data_6F1G
#
_entry.id   6F1G
#
_cell.length_a   85.960
_cell.length_b   89.210
_cell.length_c   40.839
_cell.angle_alpha   90.00
_cell.angle_beta   102.45
_cell.angle_gamma   90.00
#
_symmetry.space_group_name_H-M   'C 1 2 1'
#
loop_
_entity.id
_entity.type
_entity.pdbx_description
1 polymer 'Intracellular endo-alpha-(1->5)-L-arabinanase'
2 branched alpha-L-arabinofuranose-(1-5)-alpha-L-arabinofuranose-(1-5)-alpha-L-arabinofuranose-(1-5)-alpha-L-arabinofuranose-(1-5)-alpha-L-arabinofuranose
3 non-polymer 'CALCIUM ION'
4 non-polymer 'SULFATE ION'
5 water water
#
_entity_poly.entity_id   1
_entity_poly.type   'polypeptide(L)'
_entity_poly.pdbx_seq_one_letter_code
;MVHFHPFGGVNFYEMDWSLKGDLWAHDPVIAKEGSRWYVFHTGSGIQIKTSEDGVHWENMGWVFPSLPDWYKQYVPEKDE
DHLWAPDICFYNGIYYLYYSVSTFGKNTSVIGLATNQTLDPRDPDYEWKDMGPVIHSTASDNYNAIDPNVVFDQEGQPWL
SFGSFWSGIQLIQLDTETMKPAAQAELLTIASRGEEPNAIAAPFIVCRNGYYYLFVSFDFCCRGIESTYKIAVGRSKDIT
GPYVDKNGVSMMQGGGTILDEGNDRWIGPGHCAVYFSGVSAILVNHAYDALKNGEPTLQIRPLYWDDEGWPYLSV
;
_entity_poly.pdbx_strand_id   A
#
loop_
_chem_comp.id
_chem_comp.type
_chem_comp.name
_chem_comp.formula
AHR L-saccharide, alpha linking alpha-L-arabinofuranose 'C5 H10 O5'
CA non-polymer 'CALCIUM ION' 'Ca 2'
SO4 non-polymer 'SULFATE ION' 'O4 S -2'
#
# COMPACT_ATOMS: atom_id res chain seq x y z
N MET A 1 12.75 -6.02 -10.85
CA MET A 1 11.99 -5.75 -12.06
C MET A 1 11.51 -4.30 -12.09
N VAL A 2 11.09 -3.78 -10.94
CA VAL A 2 10.37 -2.53 -10.84
C VAL A 2 11.31 -1.44 -10.33
N HIS A 3 11.63 -0.46 -11.18
CA HIS A 3 12.67 0.49 -10.81
C HIS A 3 12.31 1.32 -9.59
N PHE A 4 11.03 1.64 -9.41
CA PHE A 4 10.63 2.48 -8.29
C PHE A 4 10.36 1.70 -7.03
N HIS A 5 10.40 0.36 -7.10
CA HIS A 5 10.39 -0.52 -5.92
C HIS A 5 11.55 -1.50 -6.07
N PRO A 6 12.79 -1.02 -5.96
CA PRO A 6 13.94 -1.86 -6.29
C PRO A 6 14.36 -2.73 -5.12
N PHE A 7 14.71 -3.98 -5.42
CA PHE A 7 15.19 -4.87 -4.37
C PHE A 7 16.57 -5.45 -4.63
N GLY A 8 17.26 -5.01 -5.69
CA GLY A 8 18.61 -5.47 -5.88
C GLY A 8 18.64 -6.94 -6.31
N GLY A 9 19.73 -7.61 -5.95
CA GLY A 9 19.97 -8.95 -6.42
C GLY A 9 19.23 -10.05 -5.69
N VAL A 10 18.30 -9.69 -4.80
CA VAL A 10 17.62 -10.68 -4.00
CA VAL A 10 17.58 -10.65 -3.99
C VAL A 10 16.73 -11.55 -4.87
N ASN A 11 16.64 -12.83 -4.53
CA ASN A 11 15.71 -13.74 -5.19
C ASN A 11 14.67 -14.16 -4.14
N PHE A 12 13.45 -13.62 -4.26
CA PHE A 12 12.42 -13.86 -3.26
C PHE A 12 12.06 -15.34 -3.18
N TYR A 13 12.19 -16.06 -4.28
CA TYR A 13 11.75 -17.46 -4.31
C TYR A 13 12.71 -18.40 -3.56
N GLU A 14 14.00 -18.07 -3.46
CA GLU A 14 14.98 -18.88 -2.74
CA GLU A 14 14.91 -18.93 -2.70
C GLU A 14 15.31 -18.30 -1.37
N MET A 15 14.30 -17.84 -0.64
CA MET A 15 14.50 -17.26 0.69
C MET A 15 13.54 -17.94 1.65
N ASP A 16 13.99 -18.07 2.90
CA ASP A 16 13.08 -18.45 3.97
C ASP A 16 12.29 -17.22 4.39
N TRP A 17 10.96 -17.33 4.34
CA TRP A 17 10.09 -16.23 4.73
C TRP A 17 9.38 -16.51 6.05
N SER A 18 10.06 -17.20 6.96
CA SER A 18 9.53 -17.44 8.30
C SER A 18 9.96 -16.26 9.16
N LEU A 19 9.08 -15.25 9.23
CA LEU A 19 9.48 -13.97 9.81
C LEU A 19 9.72 -14.09 11.31
N LYS A 20 10.64 -13.26 11.81
CA LYS A 20 11.00 -13.22 13.22
C LYS A 20 11.12 -11.77 13.67
N GLY A 21 11.01 -11.56 14.97
CA GLY A 21 11.25 -10.25 15.54
C GLY A 21 10.02 -9.43 15.87
N ASP A 22 10.12 -8.12 15.62
CA ASP A 22 9.02 -7.18 15.87
C ASP A 22 8.15 -7.17 14.63
N LEU A 23 7.02 -7.87 14.69
CA LEU A 23 6.19 -8.09 13.51
C LEU A 23 4.82 -7.41 13.59
N TRP A 24 4.55 -6.63 14.64
CA TRP A 24 3.31 -5.85 14.69
C TRP A 24 3.28 -4.87 13.53
N ALA A 25 2.26 -4.97 12.69
CA ALA A 25 2.18 -4.10 11.52
C ALA A 25 0.75 -4.07 11.03
N HIS A 26 0.35 -2.93 10.50
CA HIS A 26 -0.97 -2.74 9.89
C HIS A 26 -0.76 -1.86 8.65
N ASP A 27 -1.26 -2.30 7.47
CA ASP A 27 -1.10 -1.58 6.21
C ASP A 27 0.36 -1.36 5.81
N PRO A 28 1.15 -2.44 5.69
CA PRO A 28 2.59 -2.28 5.45
C PRO A 28 2.94 -2.07 4.00
N VAL A 29 4.09 -1.41 3.79
CA VAL A 29 4.83 -1.43 2.54
C VAL A 29 6.29 -1.69 2.87
N ILE A 30 7.07 -2.02 1.85
CA ILE A 30 8.47 -2.40 2.06
C ILE A 30 9.33 -1.71 1.01
N ALA A 31 10.52 -1.27 1.44
CA ALA A 31 11.52 -0.74 0.52
C ALA A 31 12.87 -1.34 0.91
N LYS A 32 13.80 -1.32 -0.05
CA LYS A 32 15.14 -1.84 0.18
C LYS A 32 16.12 -0.86 -0.44
N GLU A 33 17.16 -0.51 0.34
CA GLU A 33 18.21 0.39 -0.10
C GLU A 33 19.53 -0.25 0.31
N GLY A 34 20.39 -0.53 -0.66
CA GLY A 34 21.60 -1.26 -0.33
C GLY A 34 21.25 -2.63 0.21
N SER A 35 21.88 -2.99 1.31
CA SER A 35 21.63 -4.30 1.93
C SER A 35 20.54 -4.24 3.00
N ARG A 36 19.90 -3.10 3.19
CA ARG A 36 18.97 -2.88 4.29
C ARG A 36 17.53 -2.83 3.80
N TRP A 37 16.64 -3.48 4.54
CA TRP A 37 15.21 -3.52 4.24
C TRP A 37 14.44 -2.66 5.24
N TYR A 38 13.34 -2.08 4.76
CA TYR A 38 12.53 -1.20 5.60
C TYR A 38 11.05 -1.51 5.40
N VAL A 39 10.31 -1.52 6.50
CA VAL A 39 8.85 -1.57 6.49
C VAL A 39 8.34 -0.22 6.98
N PHE A 40 7.37 0.35 6.28
CA PHE A 40 6.59 1.47 6.78
C PHE A 40 5.17 1.03 6.99
N HIS A 41 4.57 1.41 8.13
CA HIS A 41 3.20 0.97 8.37
C HIS A 41 2.47 1.97 9.26
N THR A 42 1.16 1.75 9.35
CA THR A 42 0.26 2.59 10.13
C THR A 42 0.68 2.66 11.59
N GLY A 43 0.68 3.86 12.15
CA GLY A 43 0.96 4.04 13.56
C GLY A 43 1.43 5.46 13.81
N SER A 44 1.80 5.70 15.07
CA SER A 44 2.24 7.03 15.47
C SER A 44 3.37 7.54 14.56
N GLY A 45 3.09 8.66 13.91
CA GLY A 45 3.99 9.34 13.01
C GLY A 45 4.57 8.59 11.83
N ILE A 46 3.89 7.50 11.47
CA ILE A 46 4.28 6.48 10.49
C ILE A 46 5.41 5.64 11.14
N GLN A 47 5.08 4.41 11.49
CA GLN A 47 6.06 3.54 12.12
C GLN A 47 6.99 2.94 11.08
N ILE A 48 8.26 2.75 11.45
CA ILE A 48 9.27 2.15 10.59
C ILE A 48 9.85 0.92 11.28
N LYS A 49 10.12 -0.13 10.50
CA LYS A 49 10.92 -1.27 10.93
C LYS A 49 12.07 -1.46 9.95
N THR A 50 13.14 -2.12 10.39
CA THR A 50 14.25 -2.40 9.48
C THR A 50 14.71 -3.84 9.66
N SER A 51 15.39 -4.35 8.64
CA SER A 51 15.86 -5.73 8.61
C SER A 51 17.13 -5.80 7.78
N GLU A 52 18.00 -6.74 8.14
CA GLU A 52 19.18 -7.00 7.31
CA GLU A 52 19.18 -7.01 7.31
C GLU A 52 18.86 -7.95 6.17
N ASP A 53 17.91 -8.86 6.37
CA ASP A 53 17.67 -9.94 5.42
C ASP A 53 16.24 -10.00 4.91
N GLY A 54 15.35 -9.13 5.40
CA GLY A 54 13.95 -9.17 5.06
C GLY A 54 13.11 -10.10 5.90
N VAL A 55 13.74 -10.82 6.84
CA VAL A 55 13.10 -11.89 7.59
C VAL A 55 13.05 -11.57 9.08
N HIS A 56 14.16 -11.10 9.65
CA HIS A 56 14.24 -10.68 11.04
CA HIS A 56 14.22 -10.69 11.04
C HIS A 56 14.06 -9.17 11.10
N TRP A 57 12.96 -8.72 11.71
CA TRP A 57 12.58 -7.31 11.74
C TRP A 57 12.74 -6.72 13.13
N GLU A 58 13.14 -5.45 13.19
CA GLU A 58 13.13 -4.74 14.46
C GLU A 58 12.67 -3.31 14.24
N ASN A 59 11.95 -2.80 15.22
CA ASN A 59 11.43 -1.47 15.17
C ASN A 59 12.51 -0.43 14.91
N MET A 60 12.20 0.65 14.23
CA MET A 60 13.18 1.66 13.81
C MET A 60 12.56 3.06 13.83
N GLY A 61 11.89 3.39 14.94
CA GLY A 61 11.39 4.75 15.11
C GLY A 61 10.18 5.06 14.24
N TRP A 62 10.08 6.32 13.85
CA TRP A 62 8.96 6.77 13.04
C TRP A 62 9.38 7.97 12.20
N VAL A 63 8.50 8.36 11.27
CA VAL A 63 8.85 9.39 10.31
C VAL A 63 8.69 10.78 10.90
N PHE A 64 7.51 11.07 11.47
CA PHE A 64 7.17 12.39 12.00
C PHE A 64 7.16 12.32 13.52
N PRO A 65 8.07 12.99 14.21
CA PRO A 65 7.95 13.06 15.67
C PRO A 65 6.77 13.91 16.11
N SER A 66 6.40 14.90 15.29
CA SER A 66 5.29 15.79 15.53
C SER A 66 4.51 15.93 14.24
N LEU A 67 3.19 16.01 14.36
CA LEU A 67 2.44 16.07 13.11
C LEU A 67 2.53 17.47 12.52
N PRO A 68 2.66 17.58 11.20
CA PRO A 68 2.57 18.90 10.55
C PRO A 68 1.30 19.65 10.91
N ASP A 69 1.44 20.97 11.11
CA ASP A 69 0.29 21.80 11.43
C ASP A 69 -0.79 21.75 10.36
N TRP A 70 -0.41 21.55 9.10
CA TRP A 70 -1.42 21.67 8.06
C TRP A 70 -2.46 20.57 8.10
N TYR A 71 -2.21 19.47 8.82
CA TYR A 71 -3.23 18.42 8.95
C TYR A 71 -4.54 18.99 9.45
N LYS A 72 -4.48 19.96 10.36
CA LYS A 72 -5.69 20.43 11.00
C LYS A 72 -6.57 21.23 10.03
N GLN A 73 -6.03 21.68 8.90
CA GLN A 73 -6.86 22.32 7.87
C GLN A 73 -7.81 21.31 7.23
N TYR A 74 -7.48 20.02 7.28
CA TYR A 74 -8.23 18.96 6.60
C TYR A 74 -8.95 18.01 7.53
N VAL A 75 -8.35 17.71 8.67
CA VAL A 75 -8.90 16.73 9.61
C VAL A 75 -8.90 17.37 10.99
N PRO A 76 -9.73 18.40 11.24
CA PRO A 76 -9.67 19.07 12.54
C PRO A 76 -10.07 18.20 13.73
N GLU A 77 -10.90 17.17 13.56
CA GLU A 77 -11.32 16.38 14.71
C GLU A 77 -10.27 15.34 15.15
N LYS A 78 -9.16 15.20 14.42
CA LYS A 78 -8.16 14.21 14.78
C LYS A 78 -7.35 14.70 15.98
N ASP A 79 -7.24 13.86 17.00
CA ASP A 79 -6.55 14.26 18.22
C ASP A 79 -5.54 13.23 18.72
N GLU A 80 -5.09 12.33 17.84
CA GLU A 80 -3.98 11.43 18.12
C GLU A 80 -3.03 11.49 16.93
N ASP A 81 -1.88 10.83 17.07
CA ASP A 81 -0.80 11.04 16.10
C ASP A 81 -0.63 9.88 15.13
N HIS A 82 -1.63 9.03 14.96
CA HIS A 82 -1.49 7.87 14.11
C HIS A 82 -1.74 8.22 12.65
N LEU A 83 -0.76 7.92 11.80
CA LEU A 83 -0.86 8.14 10.37
C LEU A 83 -1.03 6.80 9.70
N TRP A 84 -1.77 6.77 8.59
CA TRP A 84 -2.28 5.51 8.05
C TRP A 84 -1.73 5.21 6.67
N ALA A 85 -1.46 3.93 6.44
CA ALA A 85 -1.31 3.35 5.11
C ALA A 85 -0.24 4.04 4.26
N PRO A 86 1.01 4.05 4.70
CA PRO A 86 2.05 4.70 3.92
C PRO A 86 2.36 3.91 2.65
N ASP A 87 2.89 4.63 1.67
CA ASP A 87 3.32 4.01 0.43
C ASP A 87 4.68 4.59 0.07
N ILE A 88 5.61 3.74 -0.34
CA ILE A 88 6.99 4.17 -0.60
C ILE A 88 7.36 3.88 -2.06
N CYS A 89 7.99 4.87 -2.70
CA CYS A 89 8.58 4.61 -4.00
C CYS A 89 9.83 5.47 -4.15
N PHE A 90 10.64 5.11 -5.12
CA PHE A 90 11.97 5.67 -5.29
C PHE A 90 12.09 6.16 -6.73
N TYR A 91 12.41 7.44 -6.90
CA TYR A 91 12.50 7.99 -8.25
C TYR A 91 13.53 9.11 -8.27
N ASN A 92 14.45 9.01 -9.22
CA ASN A 92 15.51 10.02 -9.43
C ASN A 92 16.20 10.41 -8.14
N GLY A 93 16.59 9.40 -7.36
CA GLY A 93 17.36 9.59 -6.15
C GLY A 93 16.59 10.02 -4.93
N ILE A 94 15.27 10.20 -5.02
CA ILE A 94 14.46 10.64 -3.89
CA ILE A 94 14.47 10.64 -3.88
C ILE A 94 13.46 9.56 -3.53
N TYR A 95 13.27 9.35 -2.22
CA TYR A 95 12.25 8.46 -1.70
C TYR A 95 11.00 9.27 -1.44
N TYR A 96 9.88 8.85 -2.04
CA TYR A 96 8.58 9.50 -1.90
C TYR A 96 7.71 8.64 -1.01
N LEU A 97 7.32 9.18 0.13
CA LEU A 97 6.52 8.45 1.11
C LEU A 97 5.16 9.13 1.22
N TYR A 98 4.15 8.52 0.61
CA TYR A 98 2.78 9.02 0.75
C TYR A 98 2.14 8.39 1.98
N TYR A 99 1.17 9.09 2.57
CA TYR A 99 0.53 8.57 3.79
C TYR A 99 -0.82 9.25 3.95
N SER A 100 -1.62 8.74 4.89
CA SER A 100 -2.99 9.19 5.06
C SER A 100 -3.17 9.83 6.43
N VAL A 101 -3.86 10.96 6.45
CA VAL A 101 -4.33 11.59 7.69
C VAL A 101 -5.86 11.53 7.67
N SER A 102 -6.45 10.87 8.67
CA SER A 102 -7.89 10.63 8.66
C SER A 102 -8.36 10.27 10.07
N THR A 103 -9.68 10.06 10.19
CA THR A 103 -10.27 9.44 11.37
C THR A 103 -11.26 8.37 10.94
N PHE A 104 -11.39 7.32 11.76
CA PHE A 104 -12.12 6.13 11.35
C PHE A 104 -13.58 6.44 11.03
N GLY A 105 -14.04 5.92 9.89
CA GLY A 105 -15.43 6.04 9.50
C GLY A 105 -15.85 7.37 8.91
N LYS A 106 -14.91 8.27 8.68
CA LYS A 106 -15.20 9.57 8.06
C LYS A 106 -14.31 9.76 6.84
N ASN A 107 -14.75 10.61 5.91
CA ASN A 107 -13.96 10.87 4.72
C ASN A 107 -13.44 12.30 4.69
N THR A 108 -13.30 12.90 5.86
CA THR A 108 -12.49 14.10 6.04
C THR A 108 -11.05 13.62 6.20
N SER A 109 -10.32 13.61 5.10
CA SER A 109 -9.07 12.89 4.99
C SER A 109 -8.15 13.62 4.03
N VAL A 110 -6.86 13.39 4.19
CA VAL A 110 -5.90 13.97 3.26
C VAL A 110 -4.70 13.05 3.15
N ILE A 111 -4.19 12.91 1.93
CA ILE A 111 -2.97 12.18 1.66
C ILE A 111 -1.82 13.18 1.61
N GLY A 112 -0.78 12.93 2.41
CA GLY A 112 0.40 13.76 2.43
C GLY A 112 1.59 13.10 1.75
N LEU A 113 2.63 13.89 1.56
CA LEU A 113 3.89 13.43 0.97
C LEU A 113 5.07 13.89 1.81
N ALA A 114 5.92 12.93 2.20
CA ALA A 114 7.21 13.21 2.78
C ALA A 114 8.28 12.66 1.86
N THR A 115 9.43 13.33 1.79
CA THR A 115 10.52 12.87 0.94
C THR A 115 11.81 12.79 1.74
N ASN A 116 12.73 11.98 1.24
CA ASN A 116 14.04 11.80 1.86
C ASN A 116 15.05 11.41 0.78
N GLN A 117 16.30 11.83 0.98
CA GLN A 117 17.36 11.42 0.07
C GLN A 117 17.77 9.97 0.29
N THR A 118 17.49 9.43 1.47
CA THR A 118 17.95 8.09 1.81
C THR A 118 17.01 7.54 2.87
N LEU A 119 16.96 6.22 2.98
CA LEU A 119 16.17 5.59 4.03
C LEU A 119 17.00 5.30 5.28
N ASP A 120 18.31 5.52 5.20
CA ASP A 120 19.25 5.07 6.20
C ASP A 120 19.50 6.18 7.23
N PRO A 121 19.03 6.07 8.48
CA PRO A 121 19.23 7.17 9.42
C PRO A 121 20.68 7.40 9.82
N ARG A 122 21.59 6.46 9.52
CA ARG A 122 22.99 6.70 9.80
C ARG A 122 23.61 7.70 8.83
N ASP A 123 22.96 7.92 7.69
CA ASP A 123 23.46 8.82 6.67
C ASP A 123 23.27 10.27 7.12
N PRO A 124 24.28 11.13 6.97
CA PRO A 124 24.09 12.54 7.32
C PRO A 124 22.98 13.23 6.55
N ASP A 125 22.64 12.75 5.36
CA ASP A 125 21.59 13.36 4.54
C ASP A 125 20.19 12.85 4.87
N TYR A 126 20.05 11.95 5.85
CA TYR A 126 18.72 11.47 6.24
C TYR A 126 17.90 12.59 6.86
N GLU A 127 16.79 12.93 6.20
CA GLU A 127 15.83 13.87 6.77
C GLU A 127 14.51 13.70 6.05
N TRP A 128 13.46 13.32 6.78
CA TRP A 128 12.12 13.29 6.21
C TRP A 128 11.60 14.71 6.12
N LYS A 129 11.43 15.20 4.90
CA LYS A 129 10.95 16.55 4.65
C LYS A 129 9.45 16.57 4.41
N ASP A 130 8.76 17.51 5.04
CA ASP A 130 7.30 17.62 4.91
C ASP A 130 6.98 18.34 3.61
N MET A 131 6.52 17.59 2.61
CA MET A 131 6.21 18.20 1.32
C MET A 131 4.73 18.46 1.12
N GLY A 132 3.92 18.37 2.17
CA GLY A 132 2.58 18.90 2.15
C GLY A 132 1.54 17.96 1.58
N PRO A 133 0.31 18.44 1.49
CA PRO A 133 -0.80 17.60 1.03
C PRO A 133 -0.73 17.32 -0.46
N VAL A 134 -1.27 16.15 -0.83
CA VAL A 134 -1.30 15.66 -2.21
C VAL A 134 -2.70 15.76 -2.80
N ILE A 135 -3.68 15.21 -2.09
CA ILE A 135 -5.09 15.24 -2.48
C ILE A 135 -5.87 15.00 -1.21
N HIS A 136 -7.08 15.55 -1.16
CA HIS A 136 -7.88 15.45 0.05
C HIS A 136 -9.34 15.25 -0.31
N SER A 137 -10.10 14.83 0.70
CA SER A 137 -11.54 14.68 0.60
C SER A 137 -12.19 15.40 1.75
N THR A 138 -13.36 15.99 1.50
CA THR A 138 -14.22 16.54 2.55
C THR A 138 -15.50 15.73 2.58
N ALA A 139 -16.34 16.03 3.58
CA ALA A 139 -17.63 15.34 3.69
C ALA A 139 -18.52 15.58 2.48
N SER A 140 -18.21 16.59 1.65
CA SER A 140 -18.97 16.85 0.43
C SER A 140 -18.54 15.97 -0.73
N ASP A 141 -17.37 15.33 -0.65
CA ASP A 141 -16.88 14.49 -1.74
C ASP A 141 -17.44 13.08 -1.60
N ASN A 142 -17.49 12.37 -2.72
CA ASN A 142 -17.96 11.00 -2.77
CA ASN A 142 -17.96 10.99 -2.67
C ASN A 142 -16.81 9.99 -2.78
N TYR A 143 -15.63 10.38 -2.31
CA TYR A 143 -14.49 9.49 -2.20
C TYR A 143 -13.79 9.77 -0.88
N ASN A 144 -12.85 8.90 -0.51
CA ASN A 144 -12.09 9.03 0.73
C ASN A 144 -10.61 9.03 0.39
N ALA A 145 -9.92 10.12 0.73
CA ALA A 145 -8.51 10.31 0.37
C ALA A 145 -7.60 9.65 1.41
N ILE A 146 -7.62 8.31 1.42
CA ILE A 146 -6.66 7.52 2.17
C ILE A 146 -6.15 6.38 1.27
N ASP A 147 -5.18 5.63 1.79
CA ASP A 147 -4.61 4.43 1.19
C ASP A 147 -3.92 4.68 -0.15
N PRO A 148 -2.93 5.56 -0.21
CA PRO A 148 -2.24 5.85 -1.49
C PRO A 148 -1.42 4.68 -2.03
N ASN A 149 -1.30 4.63 -3.35
CA ASN A 149 -0.30 3.79 -4.02
C ASN A 149 0.15 4.48 -5.30
N VAL A 150 1.46 4.55 -5.50
CA VAL A 150 2.01 5.10 -6.74
C VAL A 150 2.49 3.98 -7.62
N VAL A 151 2.19 4.08 -8.92
CA VAL A 151 2.72 3.18 -9.93
C VAL A 151 3.15 4.03 -11.12
N PHE A 152 4.22 3.64 -11.76
CA PHE A 152 4.66 4.31 -12.96
C PHE A 152 4.26 3.37 -14.05
N ASP A 153 3.63 3.87 -15.09
CA ASP A 153 3.20 3.07 -16.18
C ASP A 153 4.31 2.75 -17.17
N GLN A 154 3.94 2.08 -18.25
CA GLN A 154 4.84 1.69 -19.32
C GLN A 154 5.59 2.87 -19.88
N GLU A 155 4.94 4.01 -20.07
CA GLU A 155 5.62 5.16 -20.56
C GLU A 155 6.41 5.96 -19.53
N GLY A 156 6.55 5.48 -18.30
CA GLY A 156 7.27 6.21 -17.27
C GLY A 156 6.47 7.30 -16.59
N GLN A 157 5.15 7.33 -16.80
CA GLN A 157 4.27 8.33 -16.21
C GLN A 157 3.79 7.86 -14.85
N PRO A 158 3.95 8.65 -13.78
CA PRO A 158 3.43 8.23 -12.48
C PRO A 158 1.94 8.46 -12.33
N TRP A 159 1.30 7.55 -11.61
CA TRP A 159 -0.12 7.60 -11.29
C TRP A 159 -0.30 7.31 -9.80
N LEU A 160 -1.33 7.91 -9.22
CA LEU A 160 -1.71 7.65 -7.83
C LEU A 160 -3.08 6.99 -7.81
N SER A 161 -3.17 5.84 -7.17
CA SER A 161 -4.46 5.25 -6.81
C SER A 161 -4.62 5.34 -5.30
N PHE A 162 -5.87 5.38 -4.86
CA PHE A 162 -6.18 5.52 -3.44
C PHE A 162 -7.65 5.25 -3.26
N GLY A 163 -8.08 5.27 -2.00
CA GLY A 163 -9.49 5.16 -1.73
C GLY A 163 -9.87 4.08 -0.74
N SER A 164 -11.02 4.30 -0.11
CA SER A 164 -11.58 3.38 0.87
C SER A 164 -13.04 3.75 1.04
N PHE A 165 -13.95 2.81 0.75
CA PHE A 165 -15.38 3.03 0.89
C PHE A 165 -15.84 4.24 0.07
N TRP A 166 -16.99 4.83 0.41
CA TRP A 166 -17.65 5.87 -0.41
C TRP A 166 -17.75 5.32 -1.84
N SER A 167 -17.26 6.03 -2.86
CA SER A 167 -17.41 5.51 -4.22
C SER A 167 -16.31 4.52 -4.60
N GLY A 168 -15.33 4.25 -3.74
CA GLY A 168 -14.38 3.19 -4.00
C GLY A 168 -12.99 3.66 -4.38
N ILE A 169 -12.36 2.96 -5.32
CA ILE A 169 -10.97 3.18 -5.66
C ILE A 169 -10.85 4.24 -6.73
N GLN A 170 -9.98 5.22 -6.49
CA GLN A 170 -9.75 6.33 -7.41
C GLN A 170 -8.37 6.25 -8.04
N LEU A 171 -8.21 6.94 -9.16
CA LEU A 171 -6.96 6.97 -9.89
C LEU A 171 -6.76 8.36 -10.47
N ILE A 172 -5.55 8.90 -10.37
CA ILE A 172 -5.26 10.24 -10.88
C ILE A 172 -3.80 10.33 -11.30
N GLN A 173 -3.57 10.99 -12.44
CA GLN A 173 -2.22 11.14 -12.94
C GLN A 173 -1.41 12.11 -12.06
N LEU A 174 -0.16 11.74 -11.77
CA LEU A 174 0.80 12.62 -11.11
C LEU A 174 1.73 13.27 -12.13
N ASP A 175 2.19 14.49 -11.83
CA ASP A 175 3.26 15.10 -12.62
C ASP A 175 4.62 14.68 -12.07
N THR A 176 5.56 14.42 -12.97
CA THR A 176 6.87 13.91 -12.53
C THR A 176 7.63 14.90 -11.65
N GLU A 177 7.60 16.20 -11.94
CA GLU A 177 8.49 17.08 -11.17
C GLU A 177 7.94 17.37 -9.78
N THR A 178 6.63 17.38 -9.63
CA THR A 178 6.02 17.59 -8.31
C THR A 178 5.68 16.29 -7.58
N MET A 179 5.46 15.21 -8.33
CA MET A 179 4.89 13.97 -7.78
C MET A 179 3.57 14.26 -7.07
N LYS A 180 2.85 15.25 -7.57
CA LYS A 180 1.50 15.57 -7.13
C LYS A 180 0.62 15.71 -8.36
N PRO A 181 -0.69 15.54 -8.21
CA PRO A 181 -1.57 15.70 -9.38
C PRO A 181 -1.66 17.17 -9.78
N ALA A 182 -1.79 17.41 -11.08
CA ALA A 182 -2.11 18.76 -11.51
C ALA A 182 -3.44 19.19 -10.90
N ALA A 183 -3.59 20.50 -10.68
CA ALA A 183 -4.81 20.98 -10.02
C ALA A 183 -6.05 20.62 -10.82
N GLN A 184 -5.92 20.51 -12.14
CA GLN A 184 -7.05 20.19 -13.01
C GLN A 184 -7.07 18.72 -13.43
N ALA A 185 -6.21 17.89 -12.85
CA ALA A 185 -6.16 16.49 -13.25
C ALA A 185 -7.50 15.82 -12.98
N GLU A 186 -7.90 14.92 -13.88
CA GLU A 186 -9.17 14.22 -13.72
C GLU A 186 -9.03 13.10 -12.70
N LEU A 187 -10.02 12.98 -11.82
CA LEU A 187 -10.09 11.90 -10.85
C LEU A 187 -10.98 10.78 -11.39
N LEU A 188 -10.41 9.60 -11.62
CA LEU A 188 -11.15 8.47 -12.18
C LEU A 188 -11.47 7.46 -11.09
N THR A 189 -12.68 6.91 -11.10
CA THR A 189 -13.03 5.80 -10.22
C THR A 189 -12.82 4.50 -10.99
N ILE A 190 -12.01 3.60 -10.46
CA ILE A 190 -11.63 2.39 -11.18
C ILE A 190 -12.08 1.08 -10.52
N ALA A 191 -12.57 1.10 -9.28
CA ALA A 191 -13.08 -0.14 -8.70
C ALA A 191 -14.08 0.19 -7.61
N SER A 192 -15.07 -0.69 -7.46
CA SER A 192 -16.15 -0.46 -6.50
C SER A 192 -16.92 -1.75 -6.31
N ARG A 193 -17.35 -2.02 -5.07
CA ARG A 193 -18.29 -3.13 -4.86
C ARG A 193 -19.65 -2.82 -5.48
N GLY A 194 -19.92 -1.54 -5.77
CA GLY A 194 -21.13 -1.13 -6.46
C GLY A 194 -22.34 -0.98 -5.59
N GLU A 195 -22.19 -1.16 -4.27
CA GLU A 195 -23.30 -1.14 -3.34
C GLU A 195 -22.78 -0.68 -1.98
N GLU A 196 -23.67 -0.24 -1.11
CA GLU A 196 -23.24 0.17 0.22
C GLU A 196 -22.99 -1.02 1.09
N PRO A 197 -22.03 -0.91 2.01
CA PRO A 197 -21.29 0.31 2.29
C PRO A 197 -20.05 0.52 1.40
N ASN A 198 -19.88 -0.37 0.46
CA ASN A 198 -18.78 -0.36 -0.51
C ASN A 198 -17.45 -0.64 0.16
N ALA A 199 -17.33 -1.82 0.77
CA ALA A 199 -16.13 -2.24 1.50
C ALA A 199 -15.04 -2.68 0.52
N ILE A 200 -14.35 -1.68 -0.03
CA ILE A 200 -13.18 -1.88 -0.87
C ILE A 200 -12.19 -0.77 -0.52
N ALA A 201 -10.92 -1.12 -0.44
CA ALA A 201 -9.89 -0.21 0.06
C ALA A 201 -8.52 -0.69 -0.38
N ALA A 202 -7.49 0.09 -0.02
CA ALA A 202 -6.10 -0.33 -0.06
C ALA A 202 -5.63 -0.77 -1.45
N PRO A 203 -5.81 0.05 -2.47
CA PRO A 203 -5.37 -0.34 -3.81
C PRO A 203 -3.86 -0.46 -3.93
N PHE A 204 -3.43 -1.38 -4.79
CA PHE A 204 -2.01 -1.49 -5.15
C PHE A 204 -1.96 -1.98 -6.58
N ILE A 205 -1.28 -1.23 -7.46
CA ILE A 205 -1.23 -1.54 -8.89
C ILE A 205 0.20 -1.92 -9.27
N VAL A 206 0.34 -3.05 -9.99
CA VAL A 206 1.63 -3.43 -10.55
C VAL A 206 1.42 -3.72 -12.03
N CYS A 207 2.50 -3.63 -12.79
CA CYS A 207 2.50 -4.00 -14.20
C CYS A 207 3.30 -5.27 -14.38
N ARG A 208 2.73 -6.24 -15.12
CA ARG A 208 3.43 -7.48 -15.40
C ARG A 208 2.95 -8.03 -16.72
N ASN A 209 3.87 -8.23 -17.66
CA ASN A 209 3.60 -8.95 -18.90
C ASN A 209 2.42 -8.33 -19.65
N GLY A 210 2.44 -7.01 -19.78
CA GLY A 210 1.46 -6.33 -20.60
C GLY A 210 0.12 -6.05 -19.96
N TYR A 211 -0.05 -6.33 -18.67
CA TYR A 211 -1.27 -6.02 -17.95
C TYR A 211 -0.95 -5.25 -16.68
N TYR A 212 -1.87 -4.37 -16.29
CA TYR A 212 -1.86 -3.79 -14.95
C TYR A 212 -2.75 -4.61 -14.04
N TYR A 213 -2.22 -5.00 -12.89
CA TYR A 213 -2.97 -5.75 -11.90
C TYR A 213 -3.33 -4.83 -10.74
N LEU A 214 -4.63 -4.71 -10.47
CA LEU A 214 -5.14 -3.92 -9.34
C LEU A 214 -5.49 -4.88 -8.21
N PHE A 215 -4.66 -4.87 -7.18
CA PHE A 215 -4.96 -5.58 -5.94
C PHE A 215 -5.74 -4.67 -5.00
N VAL A 216 -6.79 -5.20 -4.37
CA VAL A 216 -7.57 -4.43 -3.42
C VAL A 216 -7.88 -5.31 -2.22
N SER A 217 -8.38 -4.67 -1.16
CA SER A 217 -8.87 -5.39 0.00
C SER A 217 -10.38 -5.24 0.07
N PHE A 218 -11.09 -6.36 0.23
CA PHE A 218 -12.54 -6.42 0.39
C PHE A 218 -12.90 -6.55 1.87
N ASP A 219 -14.06 -6.00 2.23
CA ASP A 219 -14.71 -6.24 3.52
C ASP A 219 -13.96 -5.56 4.66
N PHE A 220 -13.97 -6.11 5.88
CA PHE A 220 -13.78 -5.26 7.05
C PHE A 220 -12.51 -5.57 7.82
N CYS A 221 -11.62 -4.58 7.86
CA CYS A 221 -10.41 -4.56 8.67
C CYS A 221 -10.74 -4.24 10.12
N CYS A 222 -9.71 -4.21 10.95
CA CYS A 222 -9.68 -3.40 12.16
C CYS A 222 -10.64 -3.92 13.21
N ARG A 223 -10.96 -5.21 13.16
CA ARG A 223 -11.84 -5.84 14.12
C ARG A 223 -11.16 -7.02 14.81
N GLY A 224 -9.83 -7.07 14.79
CA GLY A 224 -9.11 -8.17 15.41
C GLY A 224 -9.53 -9.50 14.83
N ILE A 225 -9.79 -10.47 15.71
CA ILE A 225 -10.17 -11.82 15.29
C ILE A 225 -11.50 -11.84 14.54
N GLU A 226 -12.29 -10.78 14.66
CA GLU A 226 -13.56 -10.70 13.96
C GLU A 226 -13.46 -9.99 12.61
N SER A 227 -12.25 -9.72 12.14
CA SER A 227 -12.07 -9.06 10.84
C SER A 227 -12.41 -10.02 9.70
N THR A 228 -12.87 -9.45 8.60
CA THR A 228 -13.28 -10.19 7.43
C THR A 228 -12.58 -9.77 6.16
N TYR A 229 -11.47 -9.08 6.31
CA TYR A 229 -10.70 -8.60 5.19
C TYR A 229 -10.26 -9.76 4.28
N LYS A 230 -10.17 -9.47 3.01
CA LYS A 230 -9.65 -10.44 2.05
C LYS A 230 -9.01 -9.66 0.91
N ILE A 231 -8.07 -10.32 0.22
CA ILE A 231 -7.31 -9.69 -0.86
C ILE A 231 -7.86 -10.18 -2.18
N ALA A 232 -8.20 -9.24 -3.07
CA ALA A 232 -8.77 -9.56 -4.38
C ALA A 232 -7.97 -8.84 -5.46
N VAL A 233 -8.06 -9.36 -6.70
CA VAL A 233 -7.27 -8.83 -7.80
C VAL A 233 -8.08 -8.86 -9.09
N GLY A 234 -7.85 -7.86 -9.95
CA GLY A 234 -8.29 -7.86 -11.32
C GLY A 234 -7.24 -7.22 -12.21
N ARG A 235 -7.49 -7.19 -13.52
CA ARG A 235 -6.44 -6.66 -14.39
C ARG A 235 -7.04 -5.93 -15.59
N SER A 236 -6.17 -5.15 -16.24
CA SER A 236 -6.55 -4.33 -17.38
C SER A 236 -5.32 -4.08 -18.23
N LYS A 237 -5.52 -4.04 -19.56
CA LYS A 237 -4.40 -3.74 -20.44
C LYS A 237 -3.98 -2.28 -20.33
N ASP A 238 -4.90 -1.39 -20.02
CA ASP A 238 -4.61 0.04 -19.85
C ASP A 238 -4.74 0.41 -18.39
N ILE A 239 -3.89 1.33 -17.93
CA ILE A 239 -3.84 1.62 -16.50
C ILE A 239 -5.15 2.23 -16.03
N THR A 240 -5.90 2.89 -16.92
CA THR A 240 -7.16 3.52 -16.52
C THR A 240 -8.35 2.56 -16.61
N GLY A 241 -8.12 1.27 -16.85
CA GLY A 241 -9.18 0.30 -16.86
C GLY A 241 -9.68 -0.02 -18.26
N PRO A 242 -10.75 -0.85 -18.36
CA PRO A 242 -11.49 -1.37 -17.21
C PRO A 242 -10.80 -2.56 -16.54
N TYR A 243 -10.76 -2.56 -15.20
CA TYR A 243 -10.19 -3.67 -14.46
C TYR A 243 -11.23 -4.77 -14.28
N VAL A 244 -10.86 -5.99 -14.65
CA VAL A 244 -11.79 -7.12 -14.75
C VAL A 244 -11.13 -8.34 -14.13
N ASP A 245 -11.91 -9.18 -13.45
CA ASP A 245 -11.35 -10.35 -12.78
C ASP A 245 -11.33 -11.57 -13.71
N LYS A 246 -10.93 -12.72 -13.13
CA LYS A 246 -10.82 -13.97 -13.88
C LYS A 246 -12.11 -14.35 -14.56
N ASN A 247 -13.25 -14.01 -13.96
CA ASN A 247 -14.56 -14.41 -14.45
C ASN A 247 -15.15 -13.43 -15.46
N GLY A 248 -14.43 -12.37 -15.81
CA GLY A 248 -14.98 -11.36 -16.69
C GLY A 248 -15.78 -10.28 -15.99
N VAL A 249 -15.81 -10.28 -14.66
CA VAL A 249 -16.64 -9.34 -13.91
C VAL A 249 -15.83 -8.07 -13.66
N SER A 250 -16.43 -6.93 -14.03
CA SER A 250 -15.78 -5.64 -13.84
C SER A 250 -15.54 -5.36 -12.36
N MET A 251 -14.34 -4.85 -12.03
CA MET A 251 -14.09 -4.44 -10.67
C MET A 251 -14.90 -3.22 -10.24
N MET A 252 -15.60 -2.56 -11.17
CA MET A 252 -16.55 -1.51 -10.82
C MET A 252 -17.89 -2.06 -10.33
N GLN A 253 -18.11 -3.36 -10.47
CA GLN A 253 -19.35 -4.01 -10.05
C GLN A 253 -19.07 -5.14 -9.07
N GLY A 254 -18.08 -4.95 -8.21
CA GLY A 254 -17.75 -5.97 -7.23
C GLY A 254 -16.86 -7.08 -7.76
N GLY A 255 -16.40 -6.99 -9.00
CA GLY A 255 -15.49 -7.99 -9.52
C GLY A 255 -14.18 -8.00 -8.76
N GLY A 256 -13.55 -9.16 -8.73
CA GLY A 256 -12.28 -9.34 -8.04
C GLY A 256 -12.07 -10.79 -7.69
N THR A 257 -10.96 -11.37 -8.14
CA THR A 257 -10.62 -12.75 -7.83
C THR A 257 -9.91 -12.79 -6.48
N ILE A 258 -10.38 -13.66 -5.59
CA ILE A 258 -9.88 -13.70 -4.22
C ILE A 258 -8.54 -14.44 -4.21
N LEU A 259 -7.51 -13.75 -3.74
CA LEU A 259 -6.17 -14.30 -3.60
C LEU A 259 -5.95 -14.94 -2.23
N ASP A 260 -6.54 -14.37 -1.19
CA ASP A 260 -6.40 -14.90 0.17
C ASP A 260 -7.54 -14.35 1.00
N GLU A 261 -8.29 -15.23 1.65
CA GLU A 261 -9.32 -14.80 2.60
C GLU A 261 -9.01 -15.26 4.01
N GLY A 262 -7.80 -15.76 4.22
CA GLY A 262 -7.35 -16.16 5.54
C GLY A 262 -7.84 -17.55 5.88
N ASN A 263 -7.62 -17.91 7.14
CA ASN A 263 -7.95 -19.22 7.68
C ASN A 263 -8.21 -19.05 9.17
N ASP A 264 -8.25 -20.16 9.92
CA ASP A 264 -8.54 -20.07 11.34
C ASP A 264 -7.38 -19.51 12.15
N ARG A 265 -6.19 -19.49 11.57
CA ARG A 265 -4.96 -19.09 12.26
C ARG A 265 -4.59 -17.63 11.99
N TRP A 266 -4.61 -17.25 10.72
CA TRP A 266 -4.35 -15.88 10.28
C TRP A 266 -5.65 -15.35 9.70
N ILE A 267 -6.28 -14.43 10.41
CA ILE A 267 -7.61 -13.96 10.07
C ILE A 267 -7.48 -12.66 9.31
N GLY A 268 -8.34 -12.45 8.32
CA GLY A 268 -8.52 -11.18 7.67
C GLY A 268 -7.27 -10.59 7.05
N PRO A 269 -6.59 -11.34 6.20
CA PRO A 269 -5.41 -10.78 5.53
C PRO A 269 -5.81 -9.67 4.57
N GLY A 270 -5.02 -8.60 4.56
CA GLY A 270 -5.42 -7.46 3.75
C GLY A 270 -4.43 -6.33 3.82
N HIS A 271 -4.79 -5.26 3.11
CA HIS A 271 -3.94 -4.11 2.82
C HIS A 271 -2.57 -4.52 2.34
N CYS A 272 -2.48 -4.90 1.08
CA CYS A 272 -1.35 -5.64 0.58
C CYS A 272 -0.48 -4.76 -0.30
N ALA A 273 0.68 -5.31 -0.60
CA ALA A 273 1.66 -4.72 -1.48
C ALA A 273 2.34 -5.86 -2.21
N VAL A 274 2.81 -5.59 -3.43
CA VAL A 274 3.37 -6.62 -4.28
C VAL A 274 4.66 -6.07 -4.86
N TYR A 275 5.76 -6.81 -4.67
CA TYR A 275 7.08 -6.39 -5.08
C TYR A 275 7.76 -7.50 -5.87
N PHE A 276 8.72 -7.10 -6.72
CA PHE A 276 9.39 -7.99 -7.65
C PHE A 276 10.90 -7.86 -7.53
N SER A 277 11.59 -8.93 -7.87
CA SER A 277 13.05 -8.88 -7.96
C SER A 277 13.45 -9.93 -8.97
N GLY A 278 13.96 -9.51 -10.12
CA GLY A 278 14.24 -10.50 -11.16
C GLY A 278 12.95 -11.19 -11.55
N VAL A 279 12.97 -12.53 -11.56
CA VAL A 279 11.78 -13.30 -11.91
C VAL A 279 10.88 -13.56 -10.71
N SER A 280 11.28 -13.16 -9.51
CA SER A 280 10.58 -13.50 -8.28
C SER A 280 9.64 -12.37 -7.85
N ALA A 281 8.72 -12.70 -6.94
CA ALA A 281 7.80 -11.68 -6.44
C ALA A 281 7.34 -12.07 -5.05
N ILE A 282 6.86 -11.08 -4.28
CA ILE A 282 6.30 -11.32 -2.95
C ILE A 282 4.97 -10.59 -2.83
N LEU A 283 4.08 -11.19 -2.04
CA LEU A 283 2.93 -10.50 -1.47
C LEU A 283 3.26 -10.12 -0.03
N VAL A 284 2.96 -8.87 0.31
CA VAL A 284 3.13 -8.33 1.66
C VAL A 284 1.74 -7.90 2.13
N ASN A 285 1.40 -8.21 3.38
CA ASN A 285 0.11 -7.77 3.90
C ASN A 285 0.18 -7.86 5.42
N HIS A 286 -0.90 -7.47 6.08
CA HIS A 286 -1.05 -7.81 7.49
C HIS A 286 -2.17 -8.82 7.63
N ALA A 287 -2.16 -9.52 8.76
CA ALA A 287 -3.25 -10.41 9.12
C ALA A 287 -3.38 -10.38 10.63
N TYR A 288 -4.53 -10.79 11.12
CA TYR A 288 -4.85 -10.67 12.53
C TYR A 288 -4.62 -12.02 13.21
N ASP A 289 -3.79 -12.03 14.25
CA ASP A 289 -3.27 -13.25 14.86
C ASP A 289 -4.33 -13.85 15.78
N ALA A 290 -4.93 -14.96 15.34
CA ALA A 290 -5.97 -15.65 16.13
C ALA A 290 -5.46 -16.13 17.49
N LEU A 291 -4.15 -16.29 17.66
CA LEU A 291 -3.60 -16.75 18.93
C LEU A 291 -3.03 -15.64 19.79
N LYS A 292 -3.07 -14.39 19.32
CA LYS A 292 -2.59 -13.23 20.06
C LYS A 292 -3.66 -12.13 20.08
N ASN A 293 -4.90 -12.55 20.36
CA ASN A 293 -6.07 -11.68 20.45
C ASN A 293 -6.19 -10.72 19.26
N GLY A 294 -5.90 -11.22 18.07
CA GLY A 294 -6.12 -10.41 16.87
C GLY A 294 -5.03 -9.42 16.54
N GLU A 295 -3.87 -9.48 17.19
CA GLU A 295 -2.79 -8.54 16.94
C GLU A 295 -2.43 -8.50 15.46
N PRO A 296 -2.43 -7.33 14.83
CA PRO A 296 -2.07 -7.28 13.39
C PRO A 296 -0.59 -7.60 13.19
N THR A 297 -0.33 -8.48 12.22
CA THR A 297 0.97 -9.10 12.07
C THR A 297 1.43 -9.02 10.61
N LEU A 298 2.68 -8.60 10.42
CA LEU A 298 3.30 -8.61 9.10
C LEU A 298 3.33 -10.01 8.50
N GLN A 299 2.92 -10.10 7.24
CA GLN A 299 3.07 -11.32 6.44
C GLN A 299 3.83 -10.98 5.17
N ILE A 300 4.76 -11.86 4.79
CA ILE A 300 5.48 -11.78 3.53
C ILE A 300 5.54 -13.19 2.97
N ARG A 301 5.04 -13.38 1.75
CA ARG A 301 5.02 -14.71 1.16
C ARG A 301 5.40 -14.61 -0.31
N PRO A 302 6.06 -15.64 -0.86
CA PRO A 302 6.32 -15.62 -2.30
C PRO A 302 5.02 -15.60 -3.08
N LEU A 303 5.01 -14.85 -4.17
CA LEU A 303 3.84 -14.72 -5.02
C LEU A 303 4.20 -15.24 -6.41
N TYR A 304 3.42 -16.22 -6.87
CA TYR A 304 3.63 -16.87 -8.14
C TYR A 304 2.62 -16.39 -9.18
N TRP A 305 2.89 -16.71 -10.44
CA TRP A 305 2.05 -16.26 -11.53
C TRP A 305 1.83 -17.43 -12.48
N ASP A 306 0.57 -17.70 -12.83
CA ASP A 306 0.24 -18.89 -13.62
C ASP A 306 0.42 -18.61 -15.10
N ASP A 307 0.09 -19.61 -15.93
CA ASP A 307 0.37 -19.54 -17.36
C ASP A 307 -0.41 -18.43 -18.05
N GLU A 308 -1.56 -18.05 -17.49
CA GLU A 308 -2.33 -16.94 -18.05
C GLU A 308 -1.94 -15.59 -17.45
N GLY A 309 -1.07 -15.57 -16.44
CA GLY A 309 -0.59 -14.35 -15.86
C GLY A 309 -1.22 -13.98 -14.53
N TRP A 310 -2.10 -14.81 -14.01
CA TRP A 310 -2.77 -14.45 -12.76
C TRP A 310 -1.92 -14.87 -11.57
N PRO A 311 -1.88 -14.05 -10.52
CA PRO A 311 -1.06 -14.37 -9.35
C PRO A 311 -1.68 -15.46 -8.49
N TYR A 312 -0.83 -16.19 -7.77
CA TYR A 312 -1.32 -17.17 -6.80
C TYR A 312 -0.28 -17.39 -5.72
N LEU A 313 -0.75 -17.73 -4.52
CA LEU A 313 0.12 -18.10 -3.42
C LEU A 313 0.29 -19.61 -3.37
N SER A 314 1.44 -20.07 -2.91
CA SER A 314 1.67 -21.51 -2.80
C SER A 314 1.06 -22.04 -1.49
N VAL A 315 0.88 -23.36 -1.44
CA VAL A 315 0.35 -24.00 -0.23
C VAL A 315 1.47 -24.57 0.62
O5 AHR B . -19.18 4.07 5.84
C5 AHR B . -18.62 5.13 5.08
C4 AHR B . -19.52 5.51 3.92
O4 AHR B . -20.69 6.20 4.37
C3 AHR B . -20.01 4.27 3.21
O3 AHR B . -19.19 3.97 2.07
C2 AHR B . -21.44 4.59 2.83
O2 AHR B . -22.28 3.62 3.47
C1 AHR B . -21.76 5.95 3.44
O1 AHR B . -21.80 6.96 2.42
O5 AHR B . -14.75 3.42 7.70
C5 AHR B . -15.77 2.47 8.11
C4 AHR B . -17.08 2.73 7.37
O4 AHR B . -17.43 4.11 7.36
C3 AHR B . -18.28 2.04 8.00
O3 AHR B . -18.67 0.97 7.15
C2 AHR B . -19.41 3.05 7.98
O2 AHR B . -19.79 3.45 9.30
C1 AHR B . -18.84 4.23 7.22
O5 AHR B . -9.85 1.99 6.48
C5 AHR B . -10.69 1.88 7.62
C4 AHR B . -11.98 2.71 7.57
O4 AHR B . -13.04 2.10 6.82
C3 AHR B . -11.86 4.12 6.99
O3 AHR B . -11.84 5.06 8.07
C2 AHR B . -13.15 4.32 6.22
O2 AHR B . -12.92 4.44 4.80
C1 AHR B . -14.00 3.10 6.53
O5 AHR B . -6.90 2.28 10.18
C5 AHR B . -6.12 2.00 9.01
C4 AHR B . -7.05 2.15 7.82
O4 AHR B . -8.08 1.17 7.84
C3 AHR B . -6.42 1.98 6.45
O3 AHR B . -5.94 3.25 6.02
C2 AHR B . -7.60 1.59 5.57
O2 AHR B . -7.21 0.57 4.64
C1 AHR B . -8.70 1.12 6.54
O5 AHR B . -4.10 0.64 14.03
C5 AHR B . -5.08 -0.21 13.43
C4 AHR B . -6.01 0.58 12.50
O4 AHR B . -5.29 1.49 11.68
C3 AHR B . -7.04 1.40 13.26
O3 AHR B . -8.33 0.80 13.18
C2 AHR B . -7.08 2.74 12.55
O2 AHR B . -6.59 3.74 13.45
C1 AHR B . -6.14 2.59 11.36
CA CA C . -1.26 0.56 0.74
S SO4 D . 21.84 -7.57 -0.81
O1 SO4 D . 20.62 -7.80 -0.03
O2 SO4 D . 22.99 -7.45 0.08
O3 SO4 D . 22.02 -8.68 -1.75
O4 SO4 D . 21.69 -6.32 -1.58
S SO4 E . 6.25 -16.19 -17.16
O1 SO4 E . 5.16 -16.65 -18.02
O2 SO4 E . 5.77 -16.14 -15.77
O3 SO4 E . 6.67 -14.85 -17.58
O4 SO4 E . 7.37 -17.11 -17.24
#